data_4BA7
#
_entry.id   4BA7
#
_cell.length_a   192.701
_cell.length_b   192.701
_cell.length_c   192.701
_cell.angle_alpha   90.00
_cell.angle_beta   90.00
_cell.angle_gamma   90.00
#
_symmetry.space_group_name_H-M   'F 4 3 2'
#
loop_
_entity.id
_entity.type
_entity.pdbx_description
1 polymer 'LBCA THIOREDOXIN'
2 non-polymer 1,2-ETHANEDIOL
3 water water
#
_entity_poly.entity_id   1
_entity_poly.type   'polypeptide(L)'
_entity_poly.pdbx_seq_one_letter_code
;MSVIEINDENFEEEVLKSDKPVLVDFWAPWCGPCRMIAPIIEELAEEYEGKVKFAKVNVDENPETAAKYGIMSIPTLLLF
KNGEVVDKLVGARPKEALKERIEKHL
;
_entity_poly.pdbx_strand_id   A,B
#
# COMPACT_ATOMS: atom_id res chain seq x y z
N SER A 2 -8.86 0.19 -1.00
CA SER A 2 -7.50 0.45 -1.47
C SER A 2 -6.55 -0.75 -1.26
N VAL A 3 -5.42 -0.68 -1.95
CA VAL A 3 -4.36 -1.66 -1.87
C VAL A 3 -3.50 -1.42 -0.65
N ILE A 4 -3.06 -2.49 0.00
CA ILE A 4 -2.22 -2.31 1.18
C ILE A 4 -0.85 -2.97 1.02
N GLU A 5 0.17 -2.35 1.55
CA GLU A 5 1.50 -2.93 1.47
C GLU A 5 1.72 -3.68 2.75
N ILE A 6 2.08 -4.93 2.62
CA ILE A 6 2.26 -5.76 3.80
CA ILE A 6 2.24 -5.80 3.77
C ILE A 6 3.63 -6.39 3.70
N ASN A 7 4.09 -6.97 4.79
CA ASN A 7 5.44 -7.44 4.88
C ASN A 7 5.51 -8.68 5.77
N ASP A 8 6.73 -9.20 5.99
CA ASP A 8 6.94 -10.43 6.74
C ASP A 8 6.24 -10.32 8.09
N GLU A 9 6.28 -9.13 8.70
CA GLU A 9 5.75 -8.90 10.04
C GLU A 9 4.22 -8.94 10.20
N ASN A 10 3.44 -8.42 9.25
CA ASN A 10 2.00 -8.32 9.43
C ASN A 10 1.20 -9.25 8.52
N PHE A 11 1.90 -10.11 7.79
CA PHE A 11 1.25 -10.91 6.79
C PHE A 11 0.20 -11.85 7.42
N GLU A 12 0.59 -12.48 8.51
CA GLU A 12 -0.27 -13.42 9.22
C GLU A 12 -1.55 -12.74 9.64
N GLU A 13 -1.43 -11.63 10.35
CA GLU A 13 -2.61 -10.94 10.81
C GLU A 13 -3.45 -10.39 9.64
N GLU A 14 -2.82 -9.86 8.59
CA GLU A 14 -3.56 -9.12 7.58
C GLU A 14 -4.07 -10.02 6.49
N VAL A 15 -3.37 -11.11 6.23
CA VAL A 15 -3.81 -11.98 5.15
C VAL A 15 -4.44 -13.24 5.66
N LEU A 16 -3.73 -13.96 6.55
CA LEU A 16 -4.19 -15.27 6.93
C LEU A 16 -5.38 -15.19 7.85
N LYS A 17 -5.49 -14.09 8.58
CA LYS A 17 -6.56 -13.97 9.54
C LYS A 17 -7.67 -13.05 9.04
N SER A 18 -7.63 -12.69 7.77
CA SER A 18 -8.60 -11.81 7.19
C SER A 18 -9.96 -12.51 7.11
N ASP A 19 -11.03 -11.76 7.34
CA ASP A 19 -12.37 -12.31 7.25
C ASP A 19 -12.94 -12.20 5.83
N LYS A 20 -12.16 -11.74 4.88
CA LYS A 20 -12.58 -11.80 3.50
C LYS A 20 -11.44 -12.26 2.60
N PRO A 21 -11.78 -12.60 1.36
CA PRO A 21 -10.71 -13.01 0.43
C PRO A 21 -9.64 -11.95 0.26
N VAL A 22 -8.41 -12.38 0.11
CA VAL A 22 -7.32 -11.45 -0.07
C VAL A 22 -6.54 -11.81 -1.32
N LEU A 23 -6.39 -10.86 -2.22
CA LEU A 23 -5.52 -11.09 -3.35
C LEU A 23 -4.17 -10.48 -3.03
N VAL A 24 -3.12 -11.27 -3.05
CA VAL A 24 -1.83 -10.77 -2.71
C VAL A 24 -0.97 -10.73 -3.94
N ASP A 25 -0.42 -9.55 -4.26
CA ASP A 25 0.42 -9.36 -5.44
C ASP A 25 1.86 -9.35 -4.96
N PHE A 26 2.62 -10.36 -5.37
CA PHE A 26 4.04 -10.44 -5.06
C PHE A 26 4.80 -9.78 -6.22
N TRP A 27 5.57 -8.74 -5.92
CA TRP A 27 6.13 -7.89 -6.95
C TRP A 27 7.51 -7.42 -6.47
N ALA A 28 8.18 -6.68 -7.34
CA ALA A 28 9.39 -5.99 -6.97
C ALA A 28 9.59 -4.83 -7.93
N PRO A 29 10.29 -3.78 -7.49
CA PRO A 29 10.54 -2.59 -8.31
C PRO A 29 11.22 -2.84 -9.65
N TRP A 30 11.96 -3.93 -9.78
CA TRP A 30 12.78 -4.12 -11.01
C TRP A 30 12.01 -4.92 -12.04
N CYS A 31 10.79 -5.32 -11.70
CA CYS A 31 9.99 -6.21 -12.53
CA CYS A 31 10.04 -6.20 -12.59
C CYS A 31 9.04 -5.41 -13.41
N GLY A 32 9.33 -5.28 -14.70
CA GLY A 32 8.48 -4.53 -15.61
C GLY A 32 7.03 -4.96 -15.60
N PRO A 33 6.79 -6.24 -15.84
CA PRO A 33 5.40 -6.72 -15.86
C PRO A 33 4.61 -6.43 -14.57
N CYS A 34 5.31 -6.30 -13.45
CA CYS A 34 4.66 -5.94 -12.19
CA CYS A 34 4.65 -5.93 -12.19
C CYS A 34 4.05 -4.56 -12.29
N ARG A 35 4.80 -3.67 -12.93
CA ARG A 35 4.37 -2.32 -13.17
C ARG A 35 3.19 -2.31 -14.12
N MET A 36 3.11 -3.31 -14.99
CA MET A 36 1.99 -3.40 -15.91
C MET A 36 0.69 -3.79 -15.21
N ILE A 37 0.77 -4.63 -14.17
CA ILE A 37 -0.47 -5.11 -13.57
C ILE A 37 -0.91 -4.19 -12.43
N ALA A 38 -0.06 -3.28 -12.04
CA ALA A 38 -0.35 -2.46 -10.89
C ALA A 38 -1.66 -1.65 -11.06
N PRO A 39 -1.81 -0.99 -12.20
CA PRO A 39 -3.07 -0.22 -12.38
C PRO A 39 -4.29 -1.14 -12.46
N ILE A 40 -4.06 -2.40 -12.81
CA ILE A 40 -5.14 -3.36 -12.85
C ILE A 40 -5.54 -3.70 -11.42
N ILE A 41 -4.55 -3.96 -10.56
CA ILE A 41 -4.82 -4.25 -9.17
C ILE A 41 -5.58 -3.06 -8.55
N GLU A 42 -5.19 -1.84 -8.90
N GLU A 42 -5.15 -1.84 -8.90
CA GLU A 42 -5.93 -0.70 -8.37
CA GLU A 42 -5.84 -0.62 -8.46
C GLU A 42 -7.37 -0.65 -8.87
C GLU A 42 -7.31 -0.60 -8.89
N GLU A 43 -7.59 -0.96 -10.14
CA GLU A 43 -8.96 -0.90 -10.69
C GLU A 43 -9.83 -1.85 -9.93
N LEU A 44 -9.32 -3.07 -9.75
CA LEU A 44 -10.03 -4.12 -9.04
C LEU A 44 -10.35 -3.78 -7.59
N ALA A 45 -9.42 -3.14 -6.89
CA ALA A 45 -9.61 -2.75 -5.52
C ALA A 45 -10.73 -1.74 -5.40
N GLU A 46 -10.91 -0.89 -6.40
CA GLU A 46 -12.03 0.03 -6.35
C GLU A 46 -13.35 -0.69 -6.65
N GLU A 47 -13.33 -1.55 -7.65
CA GLU A 47 -14.52 -2.28 -8.01
C GLU A 47 -15.00 -3.22 -6.89
N TYR A 48 -14.09 -3.75 -6.08
CA TYR A 48 -14.42 -4.75 -5.09
C TYR A 48 -14.20 -4.25 -3.68
N GLU A 49 -14.13 -2.94 -3.50
N GLU A 49 -14.15 -2.93 -3.51
CA GLU A 49 -13.92 -2.38 -2.16
CA GLU A 49 -14.01 -2.35 -2.18
C GLU A 49 -14.98 -2.92 -1.19
C GLU A 49 -15.00 -3.01 -1.22
N GLY A 50 -14.53 -3.37 -0.02
CA GLY A 50 -15.40 -3.97 0.96
C GLY A 50 -15.70 -5.46 0.80
N LYS A 51 -15.40 -6.04 -0.34
CA LYS A 51 -15.67 -7.46 -0.57
C LYS A 51 -14.34 -8.23 -0.63
N VAL A 52 -13.33 -7.64 -1.22
CA VAL A 52 -12.07 -8.35 -1.37
C VAL A 52 -10.99 -7.41 -0.96
N LYS A 53 -9.98 -7.96 -0.33
CA LYS A 53 -8.87 -7.15 0.10
C LYS A 53 -7.68 -7.40 -0.82
N PHE A 54 -6.99 -6.33 -1.17
CA PHE A 54 -5.86 -6.41 -2.08
C PHE A 54 -4.56 -5.93 -1.41
N ALA A 55 -3.54 -6.74 -1.51
CA ALA A 55 -2.32 -6.54 -0.81
C ALA A 55 -1.16 -6.76 -1.75
N LYS A 56 -0.05 -6.12 -1.43
CA LYS A 56 1.17 -6.20 -2.20
C LYS A 56 2.26 -6.57 -1.27
N VAL A 57 3.12 -7.46 -1.72
CA VAL A 57 4.31 -7.83 -0.97
C VAL A 57 5.52 -7.65 -1.89
N ASN A 58 6.44 -6.81 -1.48
CA ASN A 58 7.68 -6.58 -2.24
C ASN A 58 8.68 -7.67 -1.89
N VAL A 59 9.01 -8.53 -2.83
CA VAL A 59 9.77 -9.72 -2.45
C VAL A 59 11.21 -9.38 -2.12
N ASP A 60 11.70 -8.25 -2.62
CA ASP A 60 13.04 -7.78 -2.27
C ASP A 60 13.17 -7.45 -0.77
N GLU A 61 12.09 -7.08 -0.10
CA GLU A 61 12.18 -6.74 1.31
CA GLU A 61 12.21 -6.76 1.32
C GLU A 61 11.58 -7.83 2.20
N ASN A 62 10.91 -8.82 1.59
CA ASN A 62 10.23 -9.87 2.36
C ASN A 62 10.49 -11.31 1.94
N PRO A 63 11.72 -11.76 2.17
CA PRO A 63 12.18 -13.12 1.82
C PRO A 63 11.37 -14.25 2.49
N GLU A 64 11.03 -14.08 3.76
CA GLU A 64 10.33 -15.10 4.55
C GLU A 64 8.98 -15.43 3.94
N THR A 65 8.25 -14.39 3.59
CA THR A 65 6.93 -14.55 3.02
C THR A 65 7.04 -15.15 1.63
N ALA A 66 7.97 -14.67 0.82
CA ALA A 66 8.21 -15.31 -0.47
C ALA A 66 8.50 -16.81 -0.33
N ALA A 67 9.48 -17.13 0.51
CA ALA A 67 9.89 -18.52 0.70
C ALA A 67 8.73 -19.38 1.17
N LYS A 68 7.94 -18.80 2.06
CA LYS A 68 6.87 -19.55 2.68
C LYS A 68 5.90 -20.01 1.60
N TYR A 69 5.75 -19.24 0.52
CA TYR A 69 4.86 -19.69 -0.56
C TYR A 69 5.57 -20.14 -1.85
N GLY A 70 6.88 -20.35 -1.78
CA GLY A 70 7.63 -20.77 -2.95
C GLY A 70 7.56 -19.74 -4.08
N ILE A 71 7.54 -18.45 -3.77
CA ILE A 71 7.55 -17.48 -4.85
C ILE A 71 8.95 -17.35 -5.44
N MET A 72 9.12 -17.79 -6.69
CA MET A 72 10.41 -17.55 -7.33
CA MET A 72 10.39 -17.70 -7.43
C MET A 72 10.36 -16.77 -8.66
N SER A 73 9.17 -16.59 -9.24
CA SER A 73 9.00 -15.69 -10.38
C SER A 73 7.97 -14.65 -10.01
N ILE A 74 8.07 -13.46 -10.59
CA ILE A 74 7.08 -12.44 -10.35
C ILE A 74 6.73 -11.85 -11.68
N PRO A 75 5.53 -11.26 -11.79
CA PRO A 75 4.58 -11.23 -10.67
C PRO A 75 3.96 -12.59 -10.36
N THR A 76 3.58 -12.83 -9.10
CA THR A 76 2.73 -13.93 -8.73
C THR A 76 1.61 -13.38 -7.88
N LEU A 77 0.38 -13.82 -8.16
CA LEU A 77 -0.81 -13.40 -7.47
C LEU A 77 -1.38 -14.61 -6.76
N LEU A 78 -1.51 -14.56 -5.44
CA LEU A 78 -2.09 -15.66 -4.71
C LEU A 78 -3.39 -15.16 -4.19
N LEU A 79 -4.45 -15.94 -4.32
CA LEU A 79 -5.71 -15.55 -3.72
C LEU A 79 -5.90 -16.39 -2.47
N PHE A 80 -6.14 -15.72 -1.35
CA PHE A 80 -6.33 -16.42 -0.09
C PHE A 80 -7.76 -16.29 0.35
N LYS A 81 -8.30 -17.36 0.92
CA LYS A 81 -9.54 -17.30 1.66
CA LYS A 81 -9.54 -17.29 1.67
C LYS A 81 -9.42 -18.20 2.90
N ASN A 82 -9.81 -17.69 4.06
CA ASN A 82 -9.72 -18.44 5.32
C ASN A 82 -8.33 -19.03 5.66
N GLY A 83 -7.30 -18.25 5.45
CA GLY A 83 -5.95 -18.71 5.71
C GLY A 83 -5.35 -19.62 4.66
N GLU A 84 -6.10 -19.97 3.61
CA GLU A 84 -5.65 -20.90 2.58
C GLU A 84 -5.44 -20.26 1.21
N VAL A 85 -4.39 -20.67 0.50
CA VAL A 85 -4.22 -20.27 -0.90
C VAL A 85 -5.24 -21.02 -1.73
N VAL A 86 -6.13 -20.30 -2.41
CA VAL A 86 -7.18 -20.96 -3.19
C VAL A 86 -7.02 -20.72 -4.67
N ASP A 87 -6.06 -19.88 -5.08
CA ASP A 87 -5.71 -19.79 -6.49
C ASP A 87 -4.36 -19.11 -6.66
N LYS A 88 -3.72 -19.34 -7.78
CA LYS A 88 -2.35 -18.93 -7.96
C LYS A 88 -2.19 -18.59 -9.42
N LEU A 89 -1.68 -17.38 -9.68
CA LEU A 89 -1.36 -16.96 -11.03
C LEU A 89 0.05 -16.44 -11.07
N VAL A 90 0.85 -17.08 -11.91
CA VAL A 90 2.22 -16.66 -12.16
C VAL A 90 2.22 -15.92 -13.50
N GLY A 91 2.84 -14.75 -13.55
CA GLY A 91 2.94 -13.98 -14.78
C GLY A 91 1.88 -12.90 -14.84
N ALA A 92 2.17 -11.78 -15.47
CA ALA A 92 1.14 -10.76 -15.68
C ALA A 92 -0.08 -11.35 -16.39
N ARG A 93 -1.26 -10.86 -16.05
CA ARG A 93 -2.47 -11.26 -16.76
CA ARG A 93 -2.49 -11.28 -16.71
C ARG A 93 -3.42 -10.07 -16.87
N PRO A 94 -4.37 -10.13 -17.81
CA PRO A 94 -5.38 -9.07 -18.00
C PRO A 94 -6.31 -8.91 -16.79
N LYS A 95 -7.09 -7.84 -16.74
CA LYS A 95 -8.04 -7.65 -15.68
C LYS A 95 -9.03 -8.80 -15.63
N GLU A 96 -9.52 -9.21 -16.79
N GLU A 96 -9.51 -9.19 -16.81
CA GLU A 96 -10.59 -10.19 -16.84
CA GLU A 96 -10.56 -10.21 -16.94
C GLU A 96 -10.13 -11.56 -16.29
C GLU A 96 -10.13 -11.54 -16.32
N ALA A 97 -8.90 -11.95 -16.58
CA ALA A 97 -8.37 -13.17 -16.01
C ALA A 97 -8.39 -13.14 -14.48
N LEU A 98 -8.00 -12.03 -13.87
CA LEU A 98 -8.03 -11.93 -12.40
C LEU A 98 -9.45 -11.86 -11.86
N LYS A 99 -10.34 -11.18 -12.60
CA LYS A 99 -11.71 -11.00 -12.15
C LYS A 99 -12.36 -12.36 -12.06
N GLU A 100 -12.09 -13.20 -13.05
CA GLU A 100 -12.70 -14.53 -13.11
C GLU A 100 -12.31 -15.37 -11.90
N ARG A 101 -11.04 -15.31 -11.51
CA ARG A 101 -10.59 -16.13 -10.41
C ARG A 101 -11.15 -15.56 -9.13
N ILE A 102 -11.18 -14.23 -9.00
CA ILE A 102 -11.79 -13.63 -7.82
C ILE A 102 -13.27 -14.02 -7.70
N GLU A 103 -14.00 -13.95 -8.81
CA GLU A 103 -15.43 -14.22 -8.81
C GLU A 103 -15.75 -15.65 -8.40
N LYS A 104 -14.88 -16.58 -8.76
CA LYS A 104 -15.05 -17.98 -8.38
CA LYS A 104 -15.07 -17.98 -8.40
C LYS A 104 -15.09 -18.15 -6.86
N HIS A 105 -14.40 -17.26 -6.16
CA HIS A 105 -14.26 -17.40 -4.70
C HIS A 105 -15.09 -16.38 -3.92
N LEU A 106 -16.11 -15.82 -4.59
CA LEU A 106 -17.20 -15.08 -3.93
C LEU A 106 -18.54 -15.77 -4.12
N SER B 2 0.40 -1.77 8.32
CA SER B 2 -0.05 -1.72 6.93
C SER B 2 -0.18 -0.28 6.44
N VAL B 3 0.58 0.01 5.41
CA VAL B 3 0.53 1.24 4.67
C VAL B 3 -0.46 1.04 3.52
N ILE B 4 -1.27 2.04 3.22
CA ILE B 4 -2.21 1.90 2.12
C ILE B 4 -1.87 2.84 0.96
N GLU B 5 -2.13 2.38 -0.25
CA GLU B 5 -1.92 3.17 -1.44
C GLU B 5 -3.24 3.86 -1.77
N ILE B 6 -3.16 5.17 -1.83
CA ILE B 6 -4.28 6.08 -1.97
C ILE B 6 -4.10 6.78 -3.31
N ASN B 7 -5.21 7.07 -3.97
CA ASN B 7 -5.13 7.76 -5.24
C ASN B 7 -6.21 8.81 -5.27
N ASP B 8 -6.30 9.55 -6.37
CA ASP B 8 -7.26 10.65 -6.49
C ASP B 8 -8.70 10.19 -6.23
N GLU B 9 -9.02 8.94 -6.53
CA GLU B 9 -10.40 8.49 -6.46
C GLU B 9 -10.80 8.16 -5.02
N ASN B 10 -9.87 7.70 -4.18
CA ASN B 10 -10.28 7.21 -2.88
C ASN B 10 -9.75 8.08 -1.75
N PHE B 11 -9.08 9.15 -2.12
CA PHE B 11 -8.44 9.97 -1.13
C PHE B 11 -9.43 10.62 -0.12
N GLU B 12 -10.54 11.13 -0.61
CA GLU B 12 -11.54 11.68 0.26
C GLU B 12 -12.08 10.66 1.28
N GLU B 13 -12.47 9.47 0.82
N GLU B 13 -12.48 9.48 0.84
CA GLU B 13 -13.05 8.46 1.73
CA GLU B 13 -13.05 8.50 1.77
C GLU B 13 -12.04 7.91 2.75
C GLU B 13 -12.02 7.93 2.77
N GLU B 14 -10.81 7.66 2.29
CA GLU B 14 -9.80 7.01 3.13
C GLU B 14 -8.96 7.97 3.98
N VAL B 15 -8.79 9.18 3.52
CA VAL B 15 -8.03 10.14 4.31
C VAL B 15 -8.90 11.19 5.01
N LEU B 16 -9.70 11.93 4.26
CA LEU B 16 -10.44 13.04 4.86
C LEU B 16 -11.53 12.55 5.79
N LYS B 17 -12.16 11.42 5.47
CA LYS B 17 -13.27 10.94 6.27
C LYS B 17 -12.81 9.88 7.25
N SER B 18 -11.51 9.82 7.50
CA SER B 18 -10.96 8.81 8.41
C SER B 18 -11.33 9.13 9.87
N ASP B 19 -11.63 8.09 10.65
CA ASP B 19 -11.88 8.29 12.09
C ASP B 19 -10.60 8.50 12.90
N LYS B 20 -9.45 8.18 12.33
CA LYS B 20 -8.21 8.30 13.06
C LYS B 20 -7.21 9.11 12.24
N PRO B 21 -6.16 9.62 12.89
CA PRO B 21 -5.19 10.46 12.14
C PRO B 21 -4.56 9.68 11.01
N VAL B 22 -4.22 10.35 9.90
CA VAL B 22 -3.59 9.70 8.78
C VAL B 22 -2.29 10.44 8.42
N LEU B 23 -1.17 9.74 8.44
CA LEU B 23 0.03 10.30 7.88
C LEU B 23 0.10 9.96 6.39
N VAL B 24 0.15 10.96 5.52
CA VAL B 24 0.25 10.76 4.11
C VAL B 24 1.62 11.09 3.52
N ASP B 25 2.20 10.09 2.87
CA ASP B 25 3.51 10.19 2.28
C ASP B 25 3.32 10.39 0.77
N PHE B 26 3.60 11.61 0.30
CA PHE B 26 3.61 11.92 -1.12
C PHE B 26 4.98 11.61 -1.73
N TRP B 27 5.02 10.73 -2.71
CA TRP B 27 6.29 10.17 -3.15
C TRP B 27 6.20 9.86 -4.63
N ALA B 28 7.31 9.38 -5.20
CA ALA B 28 7.31 8.88 -6.55
C ALA B 28 8.55 8.03 -6.65
N PRO B 29 8.56 7.06 -7.57
CA PRO B 29 9.63 6.05 -7.81
C PRO B 29 10.97 6.62 -8.27
N TRP B 30 10.98 7.76 -8.92
CA TRP B 30 12.24 8.37 -9.29
C TRP B 30 12.91 9.15 -8.13
N CYS B 31 12.26 9.24 -6.97
N CYS B 31 12.26 9.27 -6.98
CA CYS B 31 12.79 10.08 -5.89
CA CYS B 31 12.86 10.11 -5.94
C CYS B 31 13.61 9.25 -4.89
C CYS B 31 13.62 9.27 -4.90
N GLY B 32 14.94 9.42 -4.90
CA GLY B 32 15.81 8.73 -3.96
C GLY B 32 15.39 8.87 -2.51
N PRO B 33 15.32 10.09 -2.01
CA PRO B 33 14.93 10.26 -0.61
C PRO B 33 13.63 9.57 -0.22
N CYS B 34 12.73 9.43 -1.18
N CYS B 34 12.69 9.46 -1.15
CA CYS B 34 11.47 8.74 -0.95
CA CYS B 34 11.46 8.70 -0.86
C CYS B 34 11.69 7.25 -0.59
C CYS B 34 11.77 7.24 -0.47
N ARG B 35 12.73 6.63 -1.17
CA ARG B 35 13.06 5.22 -0.92
C ARG B 35 13.71 5.08 0.47
N MET B 36 14.35 6.14 0.91
CA MET B 36 15.01 6.17 2.19
C MET B 36 14.01 6.23 3.37
N ILE B 37 12.90 6.96 3.23
CA ILE B 37 11.92 6.99 4.32
C ILE B 37 10.89 5.87 4.24
N ALA B 38 10.80 5.18 3.11
CA ALA B 38 9.82 4.09 2.98
C ALA B 38 9.90 3.11 4.17
N PRO B 39 11.09 2.63 4.49
CA PRO B 39 11.22 1.65 5.58
C PRO B 39 10.81 2.21 6.94
N ILE B 40 11.02 3.50 7.11
CA ILE B 40 10.61 4.20 8.30
C ILE B 40 9.08 4.25 8.40
N ILE B 41 8.40 4.53 7.29
CA ILE B 41 6.96 4.55 7.28
C ILE B 41 6.41 3.18 7.62
N GLU B 42 7.03 2.14 7.09
N GLU B 42 7.05 2.14 7.08
CA GLU B 42 6.54 0.81 7.30
CA GLU B 42 6.64 0.76 7.35
C GLU B 42 6.64 0.43 8.78
C GLU B 42 6.80 0.48 8.85
N GLU B 43 7.73 0.81 9.43
N GLU B 43 7.94 0.88 9.42
CA GLU B 43 7.94 0.41 10.81
CA GLU B 43 8.23 0.61 10.82
C GLU B 43 7.03 1.23 11.70
C GLU B 43 7.16 1.26 11.70
N LEU B 44 6.83 2.50 11.40
CA LEU B 44 5.92 3.27 12.19
C LEU B 44 4.51 2.71 12.06
N ALA B 45 4.18 2.21 10.88
CA ALA B 45 2.83 1.73 10.70
C ALA B 45 2.62 0.50 11.56
N GLU B 46 3.65 -0.32 11.71
CA GLU B 46 3.61 -1.42 12.70
C GLU B 46 3.45 -0.92 14.16
N GLU B 47 4.25 0.07 14.60
CA GLU B 47 4.15 0.55 15.99
C GLU B 47 2.81 1.20 16.32
N TYR B 48 2.14 1.77 15.33
CA TYR B 48 0.90 2.45 15.59
C TYR B 48 -0.30 1.73 14.99
N GLU B 49 -0.17 0.46 14.65
CA GLU B 49 -1.31 -0.22 14.06
C GLU B 49 -2.50 0.08 14.96
N GLY B 50 -3.58 0.51 14.34
CA GLY B 50 -4.86 0.67 15.02
C GLY B 50 -5.08 2.03 15.65
N LYS B 51 -4.07 2.87 15.60
CA LYS B 51 -4.14 4.19 16.21
CA LYS B 51 -4.15 4.19 16.21
C LYS B 51 -3.90 5.31 15.19
N VAL B 52 -3.02 5.07 14.22
CA VAL B 52 -2.74 6.05 13.17
C VAL B 52 -2.70 5.30 11.86
N LYS B 53 -3.24 5.89 10.81
CA LYS B 53 -3.24 5.23 9.51
C LYS B 53 -2.08 5.84 8.70
N PHE B 54 -1.41 5.01 7.92
CA PHE B 54 -0.28 5.44 7.08
C PHE B 54 -0.61 5.20 5.63
N ALA B 55 -0.48 6.26 4.82
CA ALA B 55 -0.87 6.21 3.43
C ALA B 55 0.23 6.80 2.54
N LYS B 56 0.24 6.32 1.30
CA LYS B 56 1.16 6.72 0.29
C LYS B 56 0.36 7.18 -0.93
N VAL B 57 0.75 8.32 -1.48
CA VAL B 57 0.17 8.84 -2.69
C VAL B 57 1.34 9.04 -3.67
N ASN B 58 1.33 8.28 -4.76
CA ASN B 58 2.28 8.45 -5.87
C ASN B 58 1.89 9.68 -6.69
N VAL B 59 2.68 10.73 -6.60
CA VAL B 59 2.33 11.98 -7.25
C VAL B 59 2.36 11.90 -8.77
N ASP B 60 3.10 10.95 -9.34
CA ASP B 60 3.12 10.78 -10.80
C ASP B 60 1.81 10.26 -11.32
N GLU B 61 1.00 9.66 -10.47
CA GLU B 61 -0.27 9.13 -10.93
C GLU B 61 -1.41 9.94 -10.38
N ASN B 62 -1.11 10.95 -9.54
CA ASN B 62 -2.16 11.62 -8.79
C ASN B 62 -1.97 13.13 -8.68
N PRO B 63 -2.04 13.78 -9.81
CA PRO B 63 -1.90 15.24 -9.89
C PRO B 63 -2.96 16.02 -9.08
N GLU B 64 -4.20 15.56 -9.05
CA GLU B 64 -5.24 16.34 -8.42
C GLU B 64 -5.05 16.42 -6.93
N THR B 65 -4.72 15.30 -6.30
CA THR B 65 -4.51 15.27 -4.87
C THR B 65 -3.27 16.11 -4.54
N ALA B 66 -2.22 16.00 -5.33
CA ALA B 66 -1.01 16.75 -5.04
C ALA B 66 -1.32 18.25 -5.08
N ALA B 67 -2.21 18.64 -5.98
CA ALA B 67 -2.44 20.07 -6.19
C ALA B 67 -3.28 20.64 -5.06
N LYS B 68 -4.19 19.83 -4.52
CA LYS B 68 -5.02 20.29 -3.44
C LYS B 68 -4.15 20.72 -2.28
N TYR B 69 -2.97 20.11 -2.13
CA TYR B 69 -2.06 20.45 -1.03
C TYR B 69 -0.80 21.18 -1.47
N GLY B 70 -0.83 21.73 -2.68
CA GLY B 70 0.30 22.46 -3.21
C GLY B 70 1.60 21.64 -3.19
N ILE B 71 1.50 20.34 -3.43
CA ILE B 71 2.69 19.49 -3.29
C ILE B 71 3.46 19.56 -4.55
N MET B 72 4.64 20.15 -4.51
N MET B 72 4.65 20.12 -4.56
CA MET B 72 5.49 20.23 -5.69
CA MET B 72 5.46 20.04 -5.78
C MET B 72 6.97 19.94 -5.37
C MET B 72 6.82 19.39 -5.55
N SER B 73 7.19 19.21 -4.26
N SER B 73 7.33 19.45 -4.31
CA SER B 73 8.52 18.82 -3.81
CA SER B 73 8.55 18.73 -3.98
C SER B 73 8.36 17.56 -2.94
C SER B 73 8.21 17.50 -3.16
N ILE B 74 9.02 16.46 -3.30
CA ILE B 74 8.80 15.21 -2.59
C ILE B 74 10.13 14.74 -2.03
N PRO B 75 10.11 13.96 -0.93
CA PRO B 75 8.84 13.56 -0.31
C PRO B 75 8.24 14.69 0.52
N THR B 76 6.92 14.68 0.67
CA THR B 76 6.24 15.58 1.57
C THR B 76 5.31 14.68 2.33
N LEU B 77 5.34 14.82 3.66
CA LEU B 77 4.46 14.10 4.56
C LEU B 77 3.48 15.07 5.17
N LEU B 78 2.19 14.74 5.10
CA LEU B 78 1.14 15.54 5.73
C LEU B 78 0.47 14.66 6.76
N LEU B 79 0.32 15.17 7.97
CA LEU B 79 -0.47 14.50 8.98
C LEU B 79 -1.88 15.11 8.98
N PHE B 80 -2.90 14.28 8.86
CA PHE B 80 -4.27 14.75 8.75
C PHE B 80 -5.01 14.33 9.98
N LYS B 81 -5.95 15.15 10.40
CA LYS B 81 -6.83 14.78 11.49
C LYS B 81 -8.21 15.37 11.18
N ASN B 82 -9.21 14.51 11.15
CA ASN B 82 -10.57 14.85 10.71
C ASN B 82 -10.65 15.80 9.50
N GLY B 83 -9.90 15.49 8.43
CA GLY B 83 -9.97 16.25 7.20
C GLY B 83 -9.03 17.44 7.14
N GLU B 84 -8.26 17.68 8.20
CA GLU B 84 -7.35 18.82 8.21
C GLU B 84 -5.89 18.44 8.33
N VAL B 85 -5.05 19.15 7.60
CA VAL B 85 -3.62 19.04 7.76
C VAL B 85 -3.19 19.73 9.06
N VAL B 86 -2.70 18.94 10.01
CA VAL B 86 -2.22 19.47 11.24
C VAL B 86 -0.69 19.48 11.29
N ASP B 87 -0.03 18.93 10.26
CA ASP B 87 1.44 18.95 10.19
C ASP B 87 1.96 18.64 8.82
N LYS B 88 3.02 19.34 8.43
CA LYS B 88 3.55 19.28 7.09
C LYS B 88 5.06 19.20 7.15
N LEU B 89 5.64 18.15 6.60
CA LEU B 89 7.08 18.00 6.56
C LEU B 89 7.54 17.77 5.13
N VAL B 90 8.40 18.64 4.66
CA VAL B 90 8.94 18.58 3.33
C VAL B 90 10.36 18.05 3.46
N GLY B 91 10.73 17.03 2.71
CA GLY B 91 12.07 16.48 2.79
C GLY B 91 12.07 15.21 3.57
N ALA B 92 13.08 14.37 3.39
CA ALA B 92 13.22 13.16 4.21
C ALA B 92 13.54 13.52 5.64
N ARG B 93 13.08 12.69 6.59
CA ARG B 93 13.47 12.82 7.98
C ARG B 93 13.53 11.45 8.65
N PRO B 94 14.33 11.36 9.72
CA PRO B 94 14.46 10.10 10.46
C PRO B 94 13.22 9.74 11.29
N LYS B 95 13.18 8.51 11.79
CA LYS B 95 12.03 8.00 12.51
C LYS B 95 11.63 8.91 13.67
N GLU B 96 12.62 9.27 14.48
CA GLU B 96 12.41 10.06 15.70
CA GLU B 96 12.39 10.05 15.68
C GLU B 96 11.72 11.37 15.37
N ALA B 97 12.14 12.03 14.30
CA ALA B 97 11.54 13.29 13.94
C ALA B 97 10.03 13.11 13.65
N LEU B 98 9.69 12.05 12.92
CA LEU B 98 8.30 11.82 12.54
C LEU B 98 7.45 11.40 13.70
N LYS B 99 8.02 10.55 14.54
CA LYS B 99 7.27 10.04 15.65
C LYS B 99 6.95 11.22 16.55
N GLU B 100 7.89 12.13 16.70
CA GLU B 100 7.65 13.35 17.46
C GLU B 100 6.50 14.16 16.93
N ARG B 101 6.44 14.38 15.61
N ARG B 101 6.45 14.37 15.61
CA ARG B 101 5.34 15.17 15.05
CA ARG B 101 5.35 15.13 15.03
C ARG B 101 4.01 14.43 15.15
C ARG B 101 4.04 14.42 15.33
N ILE B 102 4.03 13.11 15.15
CA ILE B 102 2.80 12.35 15.29
C ILE B 102 2.30 12.41 16.73
N GLU B 103 3.23 12.35 17.70
CA GLU B 103 2.78 12.25 19.09
C GLU B 103 2.15 13.54 19.63
N LYS B 104 2.52 14.70 19.08
CA LYS B 104 1.86 15.98 19.37
C LYS B 104 0.36 16.03 19.14
N HIS B 105 -0.07 15.28 18.14
CA HIS B 105 -1.44 15.35 17.65
C HIS B 105 -2.15 14.02 17.90
N LEU B 106 -1.61 13.22 18.81
CA LEU B 106 -2.27 11.99 19.29
C LEU B 106 -2.28 11.95 20.83
#